data_7Q4S
#
_entry.id   7Q4S
#
_cell.length_a   59.247
_cell.length_b   68.085
_cell.length_c   93.100
_cell.angle_alpha   90.000
_cell.angle_beta   90.000
_cell.angle_gamma   90.000
#
_symmetry.space_group_name_H-M   'P 21 21 21'
#
loop_
_entity.id
_entity.type
_entity.pdbx_description
1 polymer Endolysin
2 non-polymer '2-[N-CYCLOHEXYLAMINO]ETHANE SULFONIC ACID'
3 non-polymer 'TETRAETHYLENE GLYCOL'
4 water water
#
_entity_poly.entity_id   1
_entity_poly.type   'polypeptide(L)'
_entity_poly.pdbx_seq_one_letter_code
;MGSSHHHHHHSSGLVPRGSHMALTEQDFQSAADDLGVDVASVKAVTKVESRGSGFLLSGVPKILFERHWMFKLLKRKLGH
DPEINDVCNPKAGGYLGGQAEHERLDKAVKMDRDCALQSASWGLFQIMGFHWEALGYASVQAFVNAQYASEGSQLNTFVR
FIKINPAIHKALKSKNWAEFAKRYNGPDYKKNNYDVKLAEAYQSFK
;
_entity_poly.pdbx_strand_id   AAA,BBB
#
loop_
_chem_comp.id
_chem_comp.type
_chem_comp.name
_chem_comp.formula
NHE non-polymer '2-[N-CYCLOHEXYLAMINO]ETHANE SULFONIC ACID' 'C8 H17 N O3 S'
PG4 non-polymer 'TETRAETHYLENE GLYCOL' 'C8 H18 O5'
#
# COMPACT_ATOMS: atom_id res chain seq x y z
N SER A 19 -6.45 10.24 13.77
CA SER A 19 -7.40 11.35 13.49
C SER A 19 -6.65 12.69 13.46
N HIS A 20 -5.95 13.02 14.54
CA HIS A 20 -5.09 14.23 14.69
C HIS A 20 -3.67 13.94 14.18
N MET A 21 -3.36 12.65 13.94
CA MET A 21 -2.04 12.17 13.44
C MET A 21 -1.69 12.86 12.12
N ALA A 22 -2.71 13.17 11.30
CA ALA A 22 -2.58 13.83 9.98
C ALA A 22 -1.97 15.24 10.14
N LEU A 23 -1.32 15.73 9.08
CA LEU A 23 -0.65 17.06 9.04
C LEU A 23 -1.70 18.17 9.20
N THR A 24 -1.29 19.31 9.74
CA THR A 24 -2.10 20.54 9.92
C THR A 24 -1.31 21.74 9.40
N GLU A 25 -1.96 22.90 9.26
CA GLU A 25 -1.34 24.17 8.81
C GLU A 25 -0.11 24.49 9.66
N GLN A 26 -0.21 24.23 10.97
CA GLN A 26 0.87 24.41 11.98
C GLN A 26 2.13 23.65 11.53
N ASP A 27 1.97 22.38 11.14
CA ASP A 27 3.06 21.48 10.68
C ASP A 27 3.65 22.01 9.36
N PHE A 28 2.78 22.32 8.39
CA PHE A 28 3.15 22.83 7.05
C PHE A 28 4.00 24.11 7.19
N GLN A 29 3.67 24.96 8.16
CA GLN A 29 4.32 26.28 8.36
C GLN A 29 5.67 26.10 9.06
N SER A 30 5.73 25.25 10.09
CA SER A 30 6.99 24.86 10.80
C SER A 30 8.04 24.43 9.77
N ALA A 31 7.67 23.53 8.87
CA ALA A 31 8.53 23.00 7.78
C ALA A 31 8.93 24.12 6.82
N ALA A 32 7.96 24.92 6.37
CA ALA A 32 8.15 26.06 5.46
C ALA A 32 9.17 27.04 6.04
N ASP A 33 9.01 27.41 7.32
CA ASP A 33 9.91 28.33 8.06
C ASP A 33 11.30 27.69 8.17
N ASP A 34 11.34 26.40 8.52
CA ASP A 34 12.61 25.62 8.72
C ASP A 34 13.42 25.62 7.42
N LEU A 35 12.74 25.46 6.28
CA LEU A 35 13.37 25.45 4.92
C LEU A 35 13.60 26.89 4.43
N GLY A 36 12.82 27.85 4.93
CA GLY A 36 12.88 29.27 4.52
C GLY A 36 12.28 29.45 3.14
N VAL A 37 11.05 28.98 2.95
CA VAL A 37 10.33 28.93 1.64
C VAL A 37 8.83 29.18 1.88
N ASP A 38 8.08 29.43 0.80
CA ASP A 38 6.60 29.58 0.80
C ASP A 38 5.94 28.34 1.43
N VAL A 39 4.82 28.52 2.12
CA VAL A 39 4.02 27.42 2.75
C VAL A 39 3.41 26.55 1.66
N ALA A 40 2.96 27.15 0.56
CA ALA A 40 2.31 26.47 -0.60
C ALA A 40 3.30 25.53 -1.27
N SER A 41 4.59 25.91 -1.30
CA SER A 41 5.71 25.09 -1.86
C SER A 41 5.82 23.75 -1.11
N VAL A 42 5.66 23.78 0.22
CA VAL A 42 5.73 22.58 1.11
C VAL A 42 4.48 21.72 0.87
N LYS A 43 3.30 22.35 0.77
CA LYS A 43 2.01 21.67 0.49
C LYS A 43 2.07 20.99 -0.89
N ALA A 44 2.68 21.67 -1.87
CA ALA A 44 2.81 21.20 -3.28
C ALA A 44 3.58 19.88 -3.31
N VAL A 45 4.80 19.87 -2.78
CA VAL A 45 5.71 18.67 -2.77
C VAL A 45 5.04 17.56 -1.95
N THR A 46 4.36 17.92 -0.85
CA THR A 46 3.64 16.98 0.05
C THR A 46 2.49 16.30 -0.73
N LYS A 47 1.81 17.05 -1.61
CA LYS A 47 0.65 16.54 -2.39
C LYS A 47 1.13 15.47 -3.40
N VAL A 48 2.32 15.67 -3.98
CA VAL A 48 2.84 14.84 -5.11
C VAL A 48 3.78 13.75 -4.56
N GLU A 49 4.78 14.14 -3.76
CA GLU A 49 5.91 13.26 -3.37
C GLU A 49 5.52 12.34 -2.19
N SER A 50 4.40 12.60 -1.53
CA SER A 50 3.93 11.84 -0.34
C SER A 50 2.92 10.75 -0.75
N ARG A 51 2.49 9.94 0.22
CA ARG A 51 1.55 8.80 0.03
C ARG A 51 0.23 9.11 0.74
N GLY A 52 -0.15 10.39 0.81
CA GLY A 52 -1.33 10.87 1.57
C GLY A 52 -1.11 10.73 3.07
N SER A 53 -1.11 9.50 3.58
CA SER A 53 -0.85 9.14 5.00
C SER A 53 0.51 8.45 5.13
N GLY A 54 1.23 8.72 6.23
CA GLY A 54 2.50 8.07 6.59
C GLY A 54 2.32 7.03 7.67
N PHE A 55 1.08 6.60 7.93
CA PHE A 55 0.71 5.56 8.91
C PHE A 55 -0.30 4.58 8.30
N LEU A 56 -0.24 3.32 8.72
CA LEU A 56 -1.22 2.27 8.35
C LEU A 56 -2.33 2.21 9.41
N LEU A 57 -3.34 1.37 9.20
CA LEU A 57 -4.56 1.26 10.04
C LEU A 57 -4.16 1.03 11.51
N SER A 58 -3.21 0.13 11.75
CA SER A 58 -2.75 -0.31 13.10
C SER A 58 -2.15 0.86 13.89
N GLY A 59 -1.72 1.92 13.21
CA GLY A 59 -1.14 3.13 13.83
C GLY A 59 0.38 3.13 13.76
N VAL A 60 0.97 2.13 13.11
CA VAL A 60 2.44 2.02 12.88
C VAL A 60 2.78 2.68 11.55
N PRO A 61 4.03 3.17 11.37
CA PRO A 61 4.41 3.89 10.15
C PRO A 61 4.24 3.06 8.87
N LYS A 62 3.86 3.74 7.78
CA LYS A 62 3.85 3.18 6.40
C LYS A 62 5.31 2.96 5.98
N ILE A 63 5.66 1.75 5.53
CA ILE A 63 7.06 1.39 5.14
C ILE A 63 7.04 0.57 3.83
N LEU A 64 8.22 0.43 3.22
CA LEU A 64 8.51 -0.57 2.16
C LEU A 64 9.94 -1.08 2.36
N PHE A 65 10.09 -2.37 2.64
CA PHE A 65 11.38 -3.03 2.96
C PHE A 65 12.13 -3.38 1.68
N GLU A 66 13.42 -3.04 1.63
CA GLU A 66 14.33 -3.23 0.47
C GLU A 66 15.41 -4.27 0.84
N ARG A 67 15.20 -5.53 0.47
CA ARG A 67 16.06 -6.69 0.83
C ARG A 67 17.48 -6.51 0.28
N HIS A 68 17.65 -5.80 -0.85
CA HIS A 68 18.96 -5.56 -1.50
C HIS A 68 19.77 -4.55 -0.68
N TRP A 69 19.12 -3.56 -0.06
CA TRP A 69 19.74 -2.63 0.92
C TRP A 69 20.13 -3.39 2.19
N MET A 70 19.30 -4.36 2.62
CA MET A 70 19.58 -5.23 3.78
C MET A 70 20.87 -6.03 3.52
N PHE A 71 21.06 -6.50 2.28
CA PHE A 71 22.25 -7.28 1.85
C PHE A 71 23.49 -6.36 1.87
N LYS A 72 23.40 -5.21 1.20
CA LYS A 72 24.49 -4.18 1.13
C LYS A 72 24.93 -3.79 2.53
N LEU A 73 24.00 -3.32 3.36
CA LEU A 73 24.29 -2.73 4.70
C LEU A 73 24.85 -3.80 5.65
N LEU A 74 24.28 -5.01 5.64
CA LEU A 74 24.75 -6.14 6.49
C LEU A 74 26.10 -6.66 5.97
N LYS A 75 26.33 -6.59 4.65
CA LYS A 75 27.62 -6.97 4.01
C LYS A 75 28.72 -6.02 4.50
N ARG A 76 28.46 -4.71 4.53
CA ARG A 76 29.40 -3.67 5.03
C ARG A 76 29.74 -3.93 6.50
N LYS A 77 28.72 -4.24 7.32
CA LYS A 77 28.85 -4.46 8.79
C LYS A 77 29.76 -5.66 9.05
N LEU A 78 29.43 -6.82 8.48
CA LEU A 78 30.11 -8.11 8.72
C LEU A 78 31.48 -8.13 8.02
N GLY A 79 31.59 -7.50 6.85
CA GLY A 79 32.80 -7.52 6.00
C GLY A 79 32.80 -8.73 5.07
N HIS A 80 31.68 -9.44 4.97
CA HIS A 80 31.46 -10.58 4.05
C HIS A 80 29.96 -10.71 3.75
N ASP A 81 29.61 -11.38 2.65
CA ASP A 81 28.21 -11.61 2.21
C ASP A 81 27.43 -12.25 3.36
N PRO A 82 26.22 -11.75 3.69
CA PRO A 82 25.34 -12.44 4.64
C PRO A 82 24.60 -13.62 3.97
N GLU A 83 23.77 -14.34 4.73
CA GLU A 83 22.90 -15.42 4.22
C GLU A 83 21.77 -14.80 3.40
N ILE A 84 21.51 -15.35 2.22
CA ILE A 84 20.47 -14.85 1.26
C ILE A 84 19.15 -15.55 1.58
N ASN A 85 18.12 -14.77 1.90
CA ASN A 85 16.73 -15.24 2.15
C ASN A 85 15.76 -14.26 1.47
N ASP A 86 14.48 -14.29 1.85
CA ASP A 86 13.39 -13.50 1.21
C ASP A 86 13.38 -12.07 1.75
N VAL A 87 14.19 -11.75 2.76
CA VAL A 87 14.32 -10.38 3.35
C VAL A 87 15.79 -9.96 3.38
N CYS A 88 16.64 -10.58 2.55
CA CYS A 88 18.10 -10.30 2.45
C CYS A 88 18.62 -10.94 1.17
N ASN A 89 18.79 -10.15 0.10
CA ASN A 89 19.06 -10.63 -1.27
C ASN A 89 19.56 -9.45 -2.11
N PRO A 90 20.71 -9.57 -2.82
CA PRO A 90 21.23 -8.46 -3.62
C PRO A 90 20.33 -8.08 -4.80
N LYS A 91 19.43 -8.98 -5.20
CA LYS A 91 18.42 -8.74 -6.26
C LYS A 91 17.20 -8.05 -5.63
N ALA A 92 16.92 -6.81 -6.02
CA ALA A 92 15.81 -5.98 -5.51
C ALA A 92 14.47 -6.63 -5.88
N GLY A 93 13.44 -6.43 -5.04
CA GLY A 93 12.07 -6.94 -5.26
C GLY A 93 11.57 -7.78 -4.09
N GLY A 94 10.58 -8.64 -4.35
CA GLY A 94 9.94 -9.51 -3.34
C GLY A 94 8.98 -8.74 -2.45
N TYR A 95 8.50 -7.58 -2.91
CA TYR A 95 7.62 -6.66 -2.15
C TYR A 95 6.25 -7.31 -1.92
N LEU A 96 5.74 -7.23 -0.69
CA LEU A 96 4.38 -7.69 -0.32
C LEU A 96 3.43 -6.48 -0.31
N GLY A 97 3.53 -5.61 0.71
CA GLY A 97 2.81 -4.32 0.77
C GLY A 97 2.05 -4.14 2.07
N GLY A 98 1.86 -2.88 2.49
CA GLY A 98 1.06 -2.51 3.67
C GLY A 98 1.63 -3.07 4.96
N GLN A 99 0.77 -3.62 5.83
CA GLN A 99 1.13 -4.20 7.14
C GLN A 99 2.06 -5.39 6.95
N ALA A 100 1.94 -6.10 5.81
CA ALA A 100 2.76 -7.29 5.46
C ALA A 100 4.26 -6.94 5.47
N GLU A 101 4.60 -5.71 5.07
CA GLU A 101 6.01 -5.22 5.00
C GLU A 101 6.64 -5.23 6.40
N HIS A 102 5.86 -5.01 7.46
CA HIS A 102 6.34 -4.97 8.87
C HIS A 102 6.72 -6.38 9.36
N GLU A 103 6.15 -7.42 8.76
CA GLU A 103 6.47 -8.85 9.06
C GLU A 103 7.82 -9.21 8.43
N ARG A 104 8.13 -8.59 7.29
CA ARG A 104 9.44 -8.72 6.58
C ARG A 104 10.53 -8.03 7.40
N LEU A 105 10.22 -6.84 7.94
CA LEU A 105 11.13 -6.05 8.81
C LEU A 105 11.43 -6.85 10.08
N ASP A 106 10.39 -7.36 10.75
CA ASP A 106 10.49 -8.14 12.01
C ASP A 106 11.44 -9.33 11.78
N LYS A 107 11.35 -10.00 10.63
CA LYS A 107 12.22 -11.15 10.26
C LYS A 107 13.67 -10.65 10.09
N ALA A 108 13.85 -9.53 9.39
CA ALA A 108 15.16 -8.91 9.11
C ALA A 108 15.81 -8.44 10.41
N VAL A 109 15.01 -7.92 11.36
CA VAL A 109 15.48 -7.45 12.71
C VAL A 109 16.17 -8.60 13.45
N LYS A 110 15.71 -9.84 13.23
CA LYS A 110 16.25 -11.06 13.92
C LYS A 110 17.62 -11.46 13.32
N MET A 111 17.96 -10.96 12.13
CA MET A 111 19.31 -11.08 11.52
C MET A 111 20.20 -9.96 12.08
N ASP A 112 19.80 -8.71 11.89
CA ASP A 112 20.44 -7.51 12.48
C ASP A 112 19.42 -6.37 12.56
N ARG A 113 19.19 -5.82 13.75
CA ARG A 113 18.15 -4.80 14.03
C ARG A 113 18.46 -3.52 13.24
N ASP A 114 19.65 -2.94 13.43
CA ASP A 114 20.07 -1.63 12.87
C ASP A 114 19.96 -1.67 11.34
N CYS A 115 20.54 -2.69 10.70
CA CYS A 115 20.56 -2.87 9.23
C CYS A 115 19.12 -2.98 8.70
N ALA A 116 18.31 -3.86 9.30
CA ALA A 116 16.89 -4.08 8.95
C ALA A 116 16.14 -2.75 8.94
N LEU A 117 16.15 -2.04 10.08
CA LEU A 117 15.47 -0.74 10.27
C LEU A 117 15.97 0.27 9.22
N GLN A 118 17.26 0.20 8.87
CA GLN A 118 17.90 1.10 7.88
C GLN A 118 17.51 0.72 6.44
N SER A 119 17.06 -0.53 6.23
CA SER A 119 16.81 -1.12 4.88
C SER A 119 15.37 -0.89 4.42
N ALA A 120 14.53 -0.27 5.26
CA ALA A 120 13.14 0.11 4.95
C ALA A 120 13.06 1.62 4.65
N SER A 121 12.16 2.02 3.75
CA SER A 121 11.73 3.42 3.54
C SER A 121 10.54 3.70 4.46
N TRP A 122 10.50 4.89 5.10
CA TRP A 122 9.55 5.22 6.21
C TRP A 122 8.68 6.43 5.87
N GLY A 123 7.42 6.39 6.31
CA GLY A 123 6.55 7.58 6.47
C GLY A 123 6.05 8.15 5.15
N LEU A 124 5.58 9.39 5.19
CA LEU A 124 4.91 10.11 4.06
C LEU A 124 5.78 10.07 2.81
N PHE A 125 7.07 10.37 2.94
CA PHE A 125 8.01 10.64 1.82
C PHE A 125 8.91 9.43 1.55
N GLN A 126 8.66 8.30 2.22
CA GLN A 126 9.39 7.02 2.04
C GLN A 126 10.90 7.29 2.02
N ILE A 127 11.42 7.84 3.12
CA ILE A 127 12.89 8.12 3.31
C ILE A 127 13.55 6.83 3.85
N MET A 128 14.63 6.39 3.21
CA MET A 128 15.41 5.19 3.60
C MET A 128 16.07 5.47 4.97
N GLY A 129 16.04 4.47 5.87
CA GLY A 129 16.47 4.60 7.27
C GLY A 129 17.98 4.73 7.42
N PHE A 130 18.76 4.40 6.39
CA PHE A 130 20.26 4.51 6.40
C PHE A 130 20.69 5.98 6.28
N HIS A 131 19.75 6.88 5.96
CA HIS A 131 19.98 8.35 5.92
C HIS A 131 20.02 8.95 7.34
N TRP A 132 19.64 8.18 8.36
CA TRP A 132 19.51 8.64 9.77
C TRP A 132 20.69 9.54 10.16
N GLU A 133 21.92 9.12 9.85
CA GLU A 133 23.16 9.80 10.30
C GLU A 133 23.31 11.14 9.56
N ALA A 134 23.16 11.13 8.23
CA ALA A 134 23.22 12.34 7.37
C ALA A 134 22.13 13.33 7.80
N LEU A 135 20.96 12.83 8.21
CA LEU A 135 19.78 13.65 8.62
C LEU A 135 20.00 14.23 10.02
N GLY A 136 21.01 13.76 10.76
CA GLY A 136 21.46 14.37 12.03
C GLY A 136 20.71 13.84 13.24
N TYR A 137 20.17 12.62 13.16
CA TYR A 137 19.50 11.92 14.30
C TYR A 137 20.58 11.32 15.21
N ALA A 138 20.29 11.21 16.52
CA ALA A 138 21.23 10.74 17.57
C ALA A 138 21.64 9.29 17.31
N SER A 139 20.72 8.49 16.74
CA SER A 139 20.90 7.04 16.48
C SER A 139 19.88 6.59 15.44
N VAL A 140 19.97 5.31 15.02
CA VAL A 140 18.97 4.64 14.14
C VAL A 140 17.61 4.69 14.86
N GLN A 141 17.60 4.39 16.17
CA GLN A 141 16.38 4.30 17.02
C GLN A 141 15.69 5.67 17.11
N ALA A 142 16.46 6.75 17.09
CA ALA A 142 15.94 8.14 17.07
C ALA A 142 15.14 8.37 15.79
N PHE A 143 15.70 7.98 14.64
CA PHE A 143 15.08 8.11 13.29
C PHE A 143 13.73 7.38 13.27
N VAL A 144 13.69 6.17 13.83
CA VAL A 144 12.50 5.27 13.86
C VAL A 144 11.41 5.93 14.73
N ASN A 145 11.77 6.37 15.94
CA ASN A 145 10.85 7.02 16.90
C ASN A 145 10.17 8.23 16.24
N ALA A 146 10.89 8.96 15.38
CA ALA A 146 10.38 10.13 14.64
C ALA A 146 9.36 9.70 13.58
N GLN A 147 9.42 8.44 13.10
CA GLN A 147 8.45 7.89 12.12
C GLN A 147 7.17 7.46 12.85
N TYR A 148 7.29 7.03 14.11
CA TYR A 148 6.17 6.55 14.97
C TYR A 148 5.43 7.74 15.58
N ALA A 149 6.14 8.85 15.86
CA ALA A 149 5.61 10.04 16.56
C ALA A 149 4.38 10.61 15.84
N SER A 150 4.56 11.17 14.64
CA SER A 150 3.50 11.87 13.86
C SER A 150 3.96 12.10 12.42
N GLU A 151 3.05 12.60 11.58
CA GLU A 151 3.34 13.00 10.18
C GLU A 151 4.19 14.27 10.20
N GLY A 152 4.04 15.10 11.24
CA GLY A 152 4.86 16.31 11.47
C GLY A 152 6.33 15.98 11.61
N SER A 153 6.64 14.94 12.38
CA SER A 153 8.02 14.37 12.54
C SER A 153 8.49 13.78 11.20
N GLN A 154 7.61 13.03 10.53
CA GLN A 154 7.90 12.42 9.19
C GLN A 154 8.17 13.54 8.18
N LEU A 155 7.48 14.68 8.31
CA LEU A 155 7.68 15.88 7.46
C LEU A 155 9.00 16.56 7.83
N ASN A 156 9.36 16.58 9.12
CA ASN A 156 10.67 17.09 9.61
C ASN A 156 11.79 16.27 8.94
N THR A 157 11.66 14.94 8.92
CA THR A 157 12.62 14.00 8.27
C THR A 157 12.82 14.43 6.81
N PHE A 158 11.73 14.64 6.06
CA PHE A 158 11.74 15.12 4.66
C PHE A 158 12.51 16.44 4.57
N VAL A 159 12.17 17.40 5.43
CA VAL A 159 12.82 18.74 5.50
C VAL A 159 14.34 18.55 5.65
N ARG A 160 14.76 17.65 6.55
CA ARG A 160 16.19 17.33 6.80
C ARG A 160 16.85 16.81 5.52
N PHE A 161 16.14 15.98 4.75
CA PHE A 161 16.63 15.39 3.48
C PHE A 161 16.83 16.50 2.44
N ILE A 162 15.93 17.50 2.40
CA ILE A 162 15.98 18.64 1.45
C ILE A 162 17.19 19.52 1.80
N LYS A 163 17.44 19.74 3.09
CA LYS A 163 18.57 20.58 3.60
C LYS A 163 19.91 20.00 3.15
N ILE A 164 20.10 18.68 3.28
CA ILE A 164 21.39 17.99 2.98
C ILE A 164 21.54 17.78 1.46
N ASN A 165 20.58 18.25 0.67
CA ASN A 165 20.66 18.33 -0.82
C ASN A 165 20.49 19.79 -1.24
N PRO A 166 21.55 20.63 -1.09
CA PRO A 166 21.47 22.06 -1.42
C PRO A 166 20.93 22.33 -2.84
N ALA A 167 21.34 21.52 -3.81
CA ALA A 167 20.90 21.59 -5.23
C ALA A 167 19.37 21.48 -5.31
N ILE A 168 18.78 20.56 -4.54
CA ILE A 168 17.30 20.31 -4.49
C ILE A 168 16.64 21.43 -3.66
N HIS A 169 17.29 21.89 -2.59
CA HIS A 169 16.78 22.96 -1.68
C HIS A 169 16.68 24.28 -2.44
N LYS A 170 17.69 24.61 -3.26
CA LYS A 170 17.73 25.85 -4.08
C LYS A 170 16.59 25.83 -5.10
N ALA A 171 16.36 24.69 -5.76
CA ALA A 171 15.29 24.47 -6.76
C ALA A 171 13.91 24.75 -6.13
N LEU A 172 13.70 24.30 -4.90
CA LEU A 172 12.43 24.48 -4.14
C LEU A 172 12.22 25.97 -3.85
N LYS A 173 13.29 26.67 -3.44
CA LYS A 173 13.26 28.11 -3.05
C LYS A 173 13.04 28.97 -4.31
N SER A 174 13.76 28.67 -5.39
CA SER A 174 13.64 29.37 -6.71
C SER A 174 12.39 28.89 -7.45
N LYS A 175 11.74 27.83 -6.96
CA LYS A 175 10.43 27.31 -7.44
C LYS A 175 10.56 26.84 -8.90
N ASN A 176 11.63 26.09 -9.20
CA ASN A 176 11.96 25.60 -10.56
C ASN A 176 10.99 24.46 -10.94
N TRP A 177 10.79 23.50 -10.03
CA TRP A 177 9.92 22.31 -10.21
C TRP A 177 10.57 21.32 -11.18
N ALA A 178 10.86 21.76 -12.41
CA ALA A 178 11.56 20.99 -13.46
C ALA A 178 12.89 20.45 -12.92
N GLU A 179 13.68 21.31 -12.27
CA GLU A 179 15.01 20.97 -11.69
C GLU A 179 14.81 20.13 -10.43
N PHE A 180 13.82 20.49 -9.60
CA PHE A 180 13.48 19.79 -8.33
C PHE A 180 13.03 18.35 -8.64
N ALA A 181 12.12 18.19 -9.60
CA ALA A 181 11.56 16.90 -10.05
C ALA A 181 12.68 16.01 -10.62
N LYS A 182 13.58 16.60 -11.40
CA LYS A 182 14.74 15.90 -12.01
C LYS A 182 15.62 15.31 -10.91
N ARG A 183 15.99 16.13 -9.92
CA ARG A 183 17.00 15.79 -8.87
C ARG A 183 16.39 14.88 -7.81
N TYR A 184 15.09 15.01 -7.50
CA TYR A 184 14.39 14.26 -6.43
C TYR A 184 13.84 12.94 -6.98
N ASN A 185 13.01 13.01 -8.02
CA ASN A 185 12.30 11.83 -8.60
C ASN A 185 13.27 11.00 -9.44
N GLY A 186 14.05 11.65 -10.31
CA GLY A 186 15.09 11.02 -11.15
C GLY A 186 15.05 11.55 -12.58
N PRO A 187 16.05 11.20 -13.44
CA PRO A 187 16.10 11.68 -14.82
C PRO A 187 14.82 11.39 -15.63
N ASP A 188 14.15 10.27 -15.34
CA ASP A 188 12.89 9.83 -16.01
C ASP A 188 11.69 10.36 -15.21
N TYR A 189 11.64 11.68 -15.00
CA TYR A 189 10.60 12.40 -14.20
C TYR A 189 9.42 12.80 -15.10
N LYS A 190 9.70 13.13 -16.37
CA LYS A 190 8.71 13.62 -17.36
C LYS A 190 7.73 12.50 -17.74
N LYS A 191 8.07 11.24 -17.47
CA LYS A 191 7.22 10.05 -17.71
C LYS A 191 5.93 10.15 -16.88
N ASN A 192 6.03 10.67 -15.65
CA ASN A 192 4.89 10.81 -14.69
C ASN A 192 4.46 12.27 -14.56
N ASN A 193 5.12 13.19 -15.29
CA ASN A 193 4.78 14.64 -15.33
C ASN A 193 4.94 15.26 -13.93
N TYR A 194 6.05 14.98 -13.25
CA TYR A 194 6.37 15.48 -11.88
C TYR A 194 6.59 17.00 -11.94
N ASP A 195 7.35 17.46 -12.94
CA ASP A 195 7.67 18.90 -13.18
C ASP A 195 6.36 19.70 -13.29
N VAL A 196 5.36 19.14 -13.99
CA VAL A 196 4.04 19.77 -14.25
C VAL A 196 3.19 19.68 -12.97
N LYS A 197 2.98 18.45 -12.46
CA LYS A 197 2.16 18.14 -11.26
C LYS A 197 2.52 19.08 -10.10
N LEU A 198 3.83 19.27 -9.84
CA LEU A 198 4.37 20.14 -8.77
C LEU A 198 3.89 21.58 -8.98
N ALA A 199 4.03 22.11 -10.20
CA ALA A 199 3.62 23.48 -10.59
C ALA A 199 2.11 23.65 -10.39
N GLU A 200 1.31 22.71 -10.90
CA GLU A 200 -0.18 22.73 -10.84
C GLU A 200 -0.63 22.59 -9.38
N ALA A 201 0.04 21.73 -8.61
CA ALA A 201 -0.20 21.54 -7.15
C ALA A 201 0.11 22.85 -6.42
N TYR A 202 1.27 23.46 -6.70
CA TYR A 202 1.73 24.74 -6.11
C TYR A 202 0.66 25.83 -6.32
N GLN A 203 0.05 25.88 -7.50
CA GLN A 203 -1.00 26.86 -7.87
C GLN A 203 -2.28 26.57 -7.07
N SER A 204 -2.58 25.30 -6.82
CA SER A 204 -3.82 24.84 -6.12
C SER A 204 -3.86 25.38 -4.68
N PHE A 205 -2.70 25.61 -4.07
CA PHE A 205 -2.55 26.14 -2.67
C PHE A 205 -2.32 27.65 -2.70
N LYS A 206 -1.56 28.15 -3.68
CA LYS A 206 -1.25 29.59 -3.88
C LYS A 206 -2.52 30.30 -4.38
N MET B 21 2.17 -17.68 -6.07
CA MET B 21 3.24 -16.89 -5.39
C MET B 21 3.28 -15.47 -5.97
N ALA B 22 3.60 -15.34 -7.25
CA ALA B 22 3.71 -14.06 -8.00
C ALA B 22 3.08 -14.22 -9.39
N LEU B 23 2.43 -13.16 -9.90
CA LEU B 23 1.77 -13.15 -11.24
C LEU B 23 2.83 -13.13 -12.34
N THR B 24 2.52 -13.76 -13.48
CA THR B 24 3.39 -13.83 -14.69
C THR B 24 2.59 -13.38 -15.91
N GLU B 25 3.28 -13.11 -17.03
CA GLU B 25 2.68 -12.68 -18.33
C GLU B 25 1.62 -13.69 -18.77
N GLN B 26 1.79 -14.97 -18.41
CA GLN B 26 0.84 -16.07 -18.70
C GLN B 26 -0.48 -15.82 -17.96
N ASP B 27 -0.41 -15.51 -16.67
CA ASP B 27 -1.58 -15.22 -15.78
C ASP B 27 -2.34 -14.01 -16.35
N PHE B 28 -1.63 -12.93 -16.65
CA PHE B 28 -2.17 -11.66 -17.21
C PHE B 28 -2.84 -11.93 -18.57
N GLN B 29 -2.32 -12.89 -19.33
CA GLN B 29 -2.87 -13.29 -20.66
C GLN B 29 -4.14 -14.14 -20.44
N SER B 30 -4.07 -15.15 -19.58
CA SER B 30 -5.18 -16.07 -19.22
C SER B 30 -6.42 -15.26 -18.83
N ALA B 31 -6.23 -14.22 -18.00
CA ALA B 31 -7.29 -13.29 -17.52
C ALA B 31 -7.78 -12.43 -18.69
N ALA B 32 -6.85 -11.88 -19.48
CA ALA B 32 -7.13 -11.01 -20.66
C ALA B 32 -7.96 -11.78 -21.70
N ASP B 33 -7.80 -13.10 -21.76
CA ASP B 33 -8.59 -14.01 -22.64
C ASP B 33 -9.99 -14.19 -22.07
N ASP B 34 -10.09 -14.53 -20.78
CA ASP B 34 -11.37 -14.80 -20.06
C ASP B 34 -12.28 -13.57 -20.14
N LEU B 35 -11.78 -12.40 -19.72
CA LEU B 35 -12.51 -11.10 -19.78
C LEU B 35 -12.65 -10.66 -21.24
N GLY B 36 -11.70 -11.01 -22.10
CA GLY B 36 -11.65 -10.62 -23.52
C GLY B 36 -11.28 -9.16 -23.67
N VAL B 37 -10.22 -8.73 -22.99
CA VAL B 37 -9.71 -7.31 -22.98
C VAL B 37 -8.24 -7.33 -23.39
N ASP B 38 -7.69 -6.15 -23.72
CA ASP B 38 -6.25 -5.95 -24.04
C ASP B 38 -5.44 -6.16 -22.75
N VAL B 39 -4.19 -6.60 -22.90
CA VAL B 39 -3.29 -7.03 -21.77
C VAL B 39 -2.96 -5.82 -20.89
N ALA B 40 -2.89 -4.63 -21.49
CA ALA B 40 -2.53 -3.35 -20.81
C ALA B 40 -3.56 -2.98 -19.74
N SER B 41 -4.85 -3.07 -20.08
CA SER B 41 -6.00 -2.68 -19.21
C SER B 41 -6.05 -3.56 -17.95
N VAL B 42 -5.64 -4.83 -18.06
CA VAL B 42 -5.65 -5.82 -16.94
C VAL B 42 -4.60 -5.40 -15.91
N LYS B 43 -3.34 -5.24 -16.36
CA LYS B 43 -2.17 -4.85 -15.52
C LYS B 43 -2.45 -3.50 -14.84
N ALA B 44 -3.09 -2.57 -15.55
CA ALA B 44 -3.43 -1.21 -15.09
C ALA B 44 -4.30 -1.28 -13.83
N VAL B 45 -5.41 -2.03 -13.92
CA VAL B 45 -6.37 -2.25 -12.79
C VAL B 45 -5.61 -2.94 -11.64
N THR B 46 -4.78 -3.95 -11.97
CA THR B 46 -3.96 -4.73 -11.02
C THR B 46 -3.12 -3.77 -10.18
N LYS B 47 -2.22 -3.01 -10.82
CA LYS B 47 -1.25 -2.10 -10.15
C LYS B 47 -1.98 -1.17 -9.17
N VAL B 48 -3.15 -0.65 -9.57
CA VAL B 48 -3.92 0.38 -8.80
C VAL B 48 -4.72 -0.31 -7.68
N GLU B 49 -5.48 -1.35 -8.02
CA GLU B 49 -6.51 -1.97 -7.13
C GLU B 49 -5.92 -3.10 -6.27
N SER B 50 -4.76 -3.66 -6.66
CA SER B 50 -4.13 -4.82 -5.97
C SER B 50 -3.27 -4.35 -4.80
N ARG B 51 -2.90 -5.28 -3.91
CA ARG B 51 -2.10 -5.04 -2.68
C ARG B 51 -0.63 -5.42 -2.93
N GLY B 52 -0.11 -5.17 -4.13
CA GLY B 52 1.21 -5.66 -4.56
C GLY B 52 1.23 -7.17 -4.67
N SER B 53 1.32 -7.86 -3.52
CA SER B 53 1.20 -9.34 -3.39
C SER B 53 -0.19 -9.70 -2.84
N GLY B 54 -0.63 -10.94 -3.09
CA GLY B 54 -1.90 -11.49 -2.59
C GLY B 54 -1.71 -12.39 -1.37
N PHE B 55 -0.46 -12.52 -0.89
CA PHE B 55 -0.06 -13.43 0.22
C PHE B 55 0.82 -12.69 1.23
N LEU B 56 0.83 -13.16 2.47
CA LEU B 56 1.72 -12.68 3.56
C LEU B 56 3.05 -13.43 3.51
N LEU B 57 3.98 -13.10 4.41
CA LEU B 57 5.34 -13.71 4.49
C LEU B 57 5.23 -15.21 4.72
N SER B 58 4.32 -15.62 5.62
CA SER B 58 4.07 -17.04 6.02
C SER B 58 3.64 -17.88 4.81
N GLY B 59 3.00 -17.27 3.81
CA GLY B 59 2.58 -17.93 2.57
C GLY B 59 1.06 -18.05 2.47
N VAL B 60 0.33 -17.74 3.54
CA VAL B 60 -1.16 -17.73 3.57
C VAL B 60 -1.65 -16.43 2.95
N PRO B 61 -2.89 -16.38 2.41
CA PRO B 61 -3.39 -15.20 1.69
C PRO B 61 -3.53 -13.95 2.57
N LYS B 62 -3.39 -12.76 1.96
CA LYS B 62 -3.72 -11.45 2.58
C LYS B 62 -5.24 -11.39 2.79
N ILE B 63 -5.68 -11.14 4.02
CA ILE B 63 -7.12 -10.99 4.36
C ILE B 63 -7.30 -9.72 5.20
N LEU B 64 -8.50 -9.14 5.16
CA LEU B 64 -8.98 -8.08 6.07
C LEU B 64 -10.34 -8.51 6.61
N PHE B 65 -10.39 -8.92 7.88
CA PHE B 65 -11.61 -9.46 8.54
C PHE B 65 -12.54 -8.30 8.91
N GLU B 66 -13.83 -8.41 8.56
CA GLU B 66 -14.88 -7.38 8.76
C GLU B 66 -15.89 -7.89 9.80
N ARG B 67 -15.73 -7.49 11.06
CA ARG B 67 -16.53 -7.96 12.22
C ARG B 67 -18.00 -7.59 12.03
N HIS B 68 -18.30 -6.51 11.31
CA HIS B 68 -19.69 -6.03 11.07
C HIS B 68 -20.39 -6.98 10.10
N TRP B 69 -19.67 -7.54 9.12
CA TRP B 69 -20.19 -8.59 8.21
C TRP B 69 -20.42 -9.89 8.99
N MET B 70 -19.46 -10.27 9.86
CA MET B 70 -19.57 -11.48 10.72
C MET B 70 -20.86 -11.40 11.56
N PHE B 71 -21.12 -10.23 12.16
CA PHE B 71 -22.32 -9.96 13.00
C PHE B 71 -23.59 -10.17 12.17
N LYS B 72 -23.65 -9.54 10.99
CA LYS B 72 -24.83 -9.56 10.08
C LYS B 72 -25.10 -11.00 9.60
N LEU B 73 -24.05 -11.71 9.17
CA LEU B 73 -24.15 -13.08 8.59
C LEU B 73 -24.55 -14.08 9.69
N LEU B 74 -23.95 -13.98 10.87
CA LEU B 74 -24.25 -14.87 12.04
C LEU B 74 -25.66 -14.57 12.56
N LYS B 75 -26.07 -13.31 12.55
CA LYS B 75 -27.44 -12.85 12.92
C LYS B 75 -28.47 -13.52 12.01
N ARG B 76 -28.25 -13.47 10.69
CA ARG B 76 -29.10 -14.12 9.66
C ARG B 76 -29.18 -15.62 9.91
N LYS B 77 -28.08 -16.26 10.31
CA LYS B 77 -27.99 -17.72 10.57
C LYS B 77 -28.80 -18.07 11.82
N LEU B 78 -28.50 -17.40 12.94
CA LEU B 78 -29.13 -17.67 14.27
C LEU B 78 -30.59 -17.23 14.27
N GLY B 79 -30.95 -16.24 13.44
CA GLY B 79 -32.30 -15.63 13.42
C GLY B 79 -32.48 -14.62 14.53
N HIS B 80 -31.38 -14.19 15.17
CA HIS B 80 -31.33 -13.21 16.29
C HIS B 80 -29.89 -12.74 16.50
N ASP B 81 -29.70 -11.65 17.24
CA ASP B 81 -28.37 -11.02 17.47
C ASP B 81 -27.42 -12.04 18.13
N PRO B 82 -26.19 -12.21 17.60
CA PRO B 82 -25.15 -12.96 18.29
C PRO B 82 -24.47 -12.09 19.37
N GLU B 83 -23.64 -12.72 20.22
CA GLU B 83 -22.84 -12.00 21.25
C GLU B 83 -21.88 -11.05 20.54
N ILE B 84 -21.65 -9.87 21.13
CA ILE B 84 -20.74 -8.81 20.61
C ILE B 84 -19.32 -9.10 21.14
N ASN B 85 -18.31 -8.97 20.29
CA ASN B 85 -16.87 -9.07 20.66
C ASN B 85 -16.03 -8.31 19.63
N ASP B 86 -14.71 -8.51 19.63
CA ASP B 86 -13.75 -7.77 18.76
C ASP B 86 -13.67 -8.41 17.37
N VAL B 87 -14.29 -9.58 17.17
CA VAL B 87 -14.37 -10.32 15.86
C VAL B 87 -15.83 -10.49 15.45
N CYS B 88 -16.76 -9.77 16.08
CA CYS B 88 -18.22 -9.83 15.81
C CYS B 88 -18.92 -8.65 16.48
N ASN B 89 -19.21 -7.60 15.70
CA ASN B 89 -19.74 -6.30 16.20
C ASN B 89 -20.35 -5.53 15.02
N PRO B 90 -21.57 -4.97 15.17
CA PRO B 90 -22.24 -4.29 14.05
C PRO B 90 -21.56 -2.98 13.63
N LYS B 91 -20.70 -2.40 14.48
CA LYS B 91 -19.88 -1.21 14.16
C LYS B 91 -18.51 -1.67 13.67
N ALA B 92 -18.12 -1.25 12.46
CA ALA B 92 -16.90 -1.68 11.74
C ALA B 92 -15.65 -1.28 12.53
N GLY B 93 -14.51 -1.93 12.24
CA GLY B 93 -13.19 -1.61 12.81
C GLY B 93 -12.54 -2.82 13.46
N GLY B 94 -11.52 -2.59 14.28
CA GLY B 94 -10.75 -3.62 15.01
C GLY B 94 -9.59 -4.15 14.17
N TYR B 95 -9.24 -3.46 13.07
CA TYR B 95 -8.24 -3.89 12.06
C TYR B 95 -6.84 -3.88 12.68
N LEU B 96 -6.14 -5.00 12.61
CA LEU B 96 -4.70 -5.15 13.01
C LEU B 96 -3.83 -5.24 11.76
N GLY B 97 -4.25 -6.07 10.79
CA GLY B 97 -3.52 -6.30 9.52
C GLY B 97 -2.54 -7.46 9.64
N GLY B 98 -2.05 -7.96 8.50
CA GLY B 98 -1.01 -9.00 8.42
C GLY B 98 -1.47 -10.33 8.99
N GLN B 99 -0.60 -11.00 9.76
CA GLN B 99 -0.83 -12.35 10.31
C GLN B 99 -1.87 -12.29 11.44
N ALA B 100 -2.04 -11.12 12.07
CA ALA B 100 -2.99 -10.88 13.18
C ALA B 100 -4.43 -11.07 12.70
N GLU B 101 -4.71 -10.78 11.42
CA GLU B 101 -6.06 -10.90 10.79
C GLU B 101 -6.47 -12.38 10.76
N HIS B 102 -5.52 -13.29 10.59
CA HIS B 102 -5.76 -14.76 10.53
C HIS B 102 -6.08 -15.28 11.94
N GLU B 103 -5.57 -14.63 12.99
CA GLU B 103 -5.87 -14.97 14.40
C GLU B 103 -7.29 -14.50 14.74
N ARG B 104 -7.69 -13.32 14.25
CA ARG B 104 -9.06 -12.77 14.36
C ARG B 104 -10.03 -13.69 13.60
N LEU B 105 -9.64 -14.14 12.41
CA LEU B 105 -10.42 -15.09 11.56
C LEU B 105 -10.57 -16.41 12.33
N ASP B 106 -9.47 -16.93 12.88
CA ASP B 106 -9.43 -18.21 13.65
C ASP B 106 -10.40 -18.13 14.84
N LYS B 107 -10.49 -16.97 15.49
CA LYS B 107 -11.39 -16.73 16.65
C LYS B 107 -12.85 -16.67 16.19
N ALA B 108 -13.11 -16.02 15.05
CA ALA B 108 -14.44 -15.88 14.43
C ALA B 108 -14.93 -17.24 13.92
N VAL B 109 -14.02 -18.06 13.39
CA VAL B 109 -14.30 -19.45 12.90
C VAL B 109 -14.84 -20.28 14.07
N LYS B 110 -14.32 -20.07 15.28
CA LYS B 110 -14.73 -20.80 16.51
C LYS B 110 -16.18 -20.45 16.86
N MET B 111 -16.66 -19.25 16.50
CA MET B 111 -18.08 -18.85 16.62
C MET B 111 -18.90 -19.55 15.52
N ASP B 112 -18.50 -19.38 14.26
CA ASP B 112 -19.12 -20.05 13.08
C ASP B 112 -18.16 -19.96 11.89
N ARG B 113 -17.73 -21.12 11.36
CA ARG B 113 -16.69 -21.25 10.30
C ARG B 113 -17.18 -20.54 9.02
N ASP B 114 -18.35 -20.92 8.51
CA ASP B 114 -18.89 -20.45 7.21
C ASP B 114 -19.07 -18.93 7.24
N CYS B 115 -19.65 -18.39 8.32
CA CYS B 115 -19.86 -16.93 8.51
C CYS B 115 -18.49 -16.22 8.56
N ALA B 116 -17.56 -16.74 9.37
CA ALA B 116 -16.19 -16.17 9.54
C ALA B 116 -15.49 -16.06 8.18
N LEU B 117 -15.41 -17.16 7.44
CA LEU B 117 -14.68 -17.22 6.14
C LEU B 117 -15.30 -16.24 5.15
N GLN B 118 -16.63 -16.05 5.21
CA GLN B 118 -17.39 -15.13 4.32
C GLN B 118 -17.17 -13.67 4.75
N SER B 119 -16.83 -13.43 6.02
CA SER B 119 -16.73 -12.08 6.65
C SER B 119 -15.34 -11.49 6.48
N ALA B 120 -14.46 -12.14 5.70
CA ALA B 120 -13.11 -11.68 5.35
C ALA B 120 -13.03 -11.40 3.84
N SER B 121 -12.22 -10.40 3.46
CA SER B 121 -11.81 -10.13 2.06
C SER B 121 -10.47 -10.83 1.80
N TRP B 122 -10.29 -11.42 0.61
CA TRP B 122 -9.17 -12.35 0.29
C TRP B 122 -8.37 -11.87 -0.93
N GLY B 123 -7.05 -12.01 -0.87
CA GLY B 123 -6.13 -11.97 -2.03
C GLY B 123 -5.80 -10.57 -2.49
N LEU B 124 -5.31 -10.45 -3.73
CA LEU B 124 -4.82 -9.20 -4.37
C LEU B 124 -5.91 -8.13 -4.37
N PHE B 125 -7.10 -8.48 -4.86
CA PHE B 125 -8.23 -7.54 -5.12
C PHE B 125 -9.22 -7.54 -3.95
N GLN B 126 -8.85 -8.14 -2.81
CA GLN B 126 -9.60 -8.10 -1.52
C GLN B 126 -11.10 -8.30 -1.79
N ILE B 127 -11.46 -9.51 -2.23
CA ILE B 127 -12.86 -9.91 -2.58
C ILE B 127 -13.47 -10.62 -1.36
N MET B 128 -14.69 -10.23 -0.97
CA MET B 128 -15.39 -10.75 0.24
C MET B 128 -15.77 -12.21 -0.02
N GLY B 129 -15.63 -13.05 1.01
CA GLY B 129 -15.88 -14.50 0.96
C GLY B 129 -17.34 -14.84 0.70
N PHE B 130 -18.27 -13.91 0.99
CA PHE B 130 -19.74 -14.13 0.86
C PHE B 130 -20.18 -14.07 -0.60
N HIS B 131 -19.26 -13.78 -1.53
CA HIS B 131 -19.50 -13.79 -3.00
C HIS B 131 -19.23 -15.18 -3.57
N TRP B 132 -18.82 -16.16 -2.75
CA TRP B 132 -18.39 -17.50 -3.19
C TRP B 132 -19.41 -18.10 -4.18
N GLU B 133 -20.70 -18.08 -3.84
CA GLU B 133 -21.78 -18.77 -4.59
C GLU B 133 -22.05 -18.05 -5.91
N ALA B 134 -22.05 -16.72 -5.91
CA ALA B 134 -22.21 -15.87 -7.11
C ALA B 134 -21.05 -16.12 -8.08
N LEU B 135 -19.82 -16.21 -7.56
CA LEU B 135 -18.59 -16.41 -8.37
C LEU B 135 -18.51 -17.86 -8.85
N GLY B 136 -19.36 -18.75 -8.34
CA GLY B 136 -19.61 -20.10 -8.89
C GLY B 136 -18.68 -21.16 -8.34
N TYR B 137 -18.30 -21.05 -7.06
CA TYR B 137 -17.47 -22.05 -6.32
C TYR B 137 -18.41 -23.07 -5.66
N ALA B 138 -17.90 -24.29 -5.44
CA ALA B 138 -18.65 -25.42 -4.83
C ALA B 138 -19.17 -25.00 -3.45
N SER B 139 -18.32 -24.33 -2.67
CA SER B 139 -18.60 -23.86 -1.28
C SER B 139 -17.72 -22.64 -0.96
N VAL B 140 -17.86 -22.09 0.24
CA VAL B 140 -16.99 -21.01 0.78
C VAL B 140 -15.57 -21.58 0.95
N GLN B 141 -15.45 -22.84 1.39
CA GLN B 141 -14.16 -23.56 1.55
C GLN B 141 -13.43 -23.61 0.19
N ALA B 142 -14.13 -23.98 -0.88
CA ALA B 142 -13.61 -24.04 -2.26
C ALA B 142 -13.05 -22.67 -2.66
N PHE B 143 -13.83 -21.62 -2.41
CA PHE B 143 -13.43 -20.20 -2.61
C PHE B 143 -12.13 -19.92 -1.84
N VAL B 144 -12.13 -20.20 -0.54
CA VAL B 144 -10.96 -19.98 0.37
C VAL B 144 -9.76 -20.76 -0.15
N ASN B 145 -9.97 -22.02 -0.56
CA ASN B 145 -8.92 -22.93 -1.08
C ASN B 145 -8.27 -22.30 -2.32
N ALA B 146 -9.08 -21.71 -3.20
CA ALA B 146 -8.64 -21.05 -4.45
C ALA B 146 -7.75 -19.83 -4.14
N GLN B 147 -7.91 -19.22 -2.95
CA GLN B 147 -7.11 -18.05 -2.51
C GLN B 147 -5.73 -18.53 -2.03
N TYR B 148 -5.65 -19.74 -1.48
CA TYR B 148 -4.39 -20.37 -0.98
C TYR B 148 -3.54 -20.87 -2.15
N ALA B 149 -4.18 -21.28 -3.25
CA ALA B 149 -3.55 -21.92 -4.43
C ALA B 149 -2.40 -21.05 -4.96
N SER B 150 -2.72 -19.91 -5.56
CA SER B 150 -1.76 -19.01 -6.27
C SER B 150 -2.36 -17.62 -6.46
N GLU B 151 -1.53 -16.65 -6.86
CA GLU B 151 -1.98 -15.28 -7.21
C GLU B 151 -2.79 -15.31 -8.52
N GLY B 152 -2.46 -16.25 -9.42
CA GLY B 152 -3.20 -16.49 -10.67
C GLY B 152 -4.65 -16.88 -10.40
N SER B 153 -4.89 -17.68 -9.36
CA SER B 153 -6.23 -18.09 -8.88
C SER B 153 -6.97 -16.89 -8.30
N GLN B 154 -6.27 -16.07 -7.50
CA GLN B 154 -6.81 -14.82 -6.89
C GLN B 154 -7.22 -13.85 -8.01
N LEU B 155 -6.44 -13.82 -9.10
CA LEU B 155 -6.76 -13.03 -10.32
C LEU B 155 -7.98 -13.65 -11.00
N ASN B 156 -8.02 -14.98 -11.13
CA ASN B 156 -9.17 -15.74 -11.70
C ASN B 156 -10.44 -15.36 -10.94
N THR B 157 -10.37 -15.30 -9.61
CA THR B 157 -11.49 -14.89 -8.71
C THR B 157 -11.97 -13.50 -9.11
N PHE B 158 -11.05 -12.54 -9.24
CA PHE B 158 -11.31 -11.14 -9.65
C PHE B 158 -11.98 -11.13 -11.03
N VAL B 159 -11.47 -11.95 -11.96
CA VAL B 159 -12.04 -12.12 -13.34
C VAL B 159 -13.54 -12.45 -13.20
N ARG B 160 -13.88 -13.41 -12.33
CA ARG B 160 -15.28 -13.87 -12.10
C ARG B 160 -16.12 -12.70 -11.55
N PHE B 161 -15.55 -11.92 -10.62
CA PHE B 161 -16.23 -10.76 -9.97
C PHE B 161 -16.60 -9.70 -11.01
N ILE B 162 -15.72 -9.49 -11.99
CA ILE B 162 -15.91 -8.51 -13.10
C ILE B 162 -17.01 -9.01 -14.04
N LYS B 163 -17.07 -10.33 -14.28
CA LYS B 163 -18.06 -10.96 -15.19
C LYS B 163 -19.48 -10.86 -14.60
N ILE B 164 -19.62 -11.09 -13.28
CA ILE B 164 -20.93 -11.08 -12.57
C ILE B 164 -21.37 -9.63 -12.27
N ASN B 165 -20.55 -8.64 -12.65
CA ASN B 165 -20.89 -7.19 -12.60
C ASN B 165 -20.77 -6.61 -14.00
N PRO B 166 -21.81 -6.73 -14.86
CA PRO B 166 -21.71 -6.31 -16.26
C PRO B 166 -21.42 -4.80 -16.44
N ALA B 167 -21.93 -3.97 -15.54
CA ALA B 167 -21.76 -2.48 -15.55
C ALA B 167 -20.31 -2.11 -15.24
N ILE B 168 -19.59 -2.96 -14.48
CA ILE B 168 -18.13 -2.81 -14.20
C ILE B 168 -17.34 -3.26 -15.44
N HIS B 169 -17.77 -4.36 -16.06
CA HIS B 169 -17.15 -4.96 -17.28
C HIS B 169 -17.18 -3.96 -18.43
N LYS B 170 -18.30 -3.25 -18.60
CA LYS B 170 -18.55 -2.26 -19.69
C LYS B 170 -17.60 -1.07 -19.53
N ALA B 171 -17.37 -0.61 -18.29
CA ALA B 171 -16.48 0.52 -17.95
C ALA B 171 -15.03 0.17 -18.32
N LEU B 172 -14.66 -1.11 -18.25
CA LEU B 172 -13.30 -1.63 -18.57
C LEU B 172 -13.15 -1.78 -20.10
N LYS B 173 -14.21 -2.21 -20.78
CA LYS B 173 -14.27 -2.31 -22.27
C LYS B 173 -14.12 -0.90 -22.87
N SER B 174 -14.89 0.06 -22.34
CA SER B 174 -14.90 1.48 -22.79
C SER B 174 -13.70 2.24 -22.20
N LYS B 175 -13.07 1.69 -21.16
CA LYS B 175 -11.87 2.24 -20.47
C LYS B 175 -12.24 3.57 -19.78
N ASN B 176 -13.49 3.72 -19.34
CA ASN B 176 -13.99 4.91 -18.59
C ASN B 176 -13.54 4.77 -17.13
N TRP B 177 -12.35 5.25 -16.80
CA TRP B 177 -11.69 5.09 -15.48
C TRP B 177 -12.50 5.83 -14.40
N ALA B 178 -13.19 6.91 -14.77
CA ALA B 178 -14.07 7.72 -13.90
C ALA B 178 -15.31 6.90 -13.52
N GLU B 179 -15.83 6.10 -14.45
CA GLU B 179 -17.01 5.21 -14.23
C GLU B 179 -16.58 3.97 -13.44
N PHE B 180 -15.48 3.32 -13.87
CA PHE B 180 -14.91 2.10 -13.25
C PHE B 180 -14.64 2.37 -11.76
N ALA B 181 -13.89 3.43 -11.46
CA ALA B 181 -13.48 3.83 -10.09
C ALA B 181 -14.72 4.12 -9.23
N LYS B 182 -15.57 5.04 -9.68
CA LYS B 182 -16.81 5.49 -8.98
C LYS B 182 -17.65 4.27 -8.58
N ARG B 183 -17.71 3.25 -9.44
CA ARG B 183 -18.53 2.02 -9.23
C ARG B 183 -17.76 1.02 -8.37
N TYR B 184 -16.51 0.72 -8.71
CA TYR B 184 -15.67 -0.32 -8.05
C TYR B 184 -15.22 0.17 -6.66
N ASN B 185 -14.58 1.34 -6.60
CA ASN B 185 -13.95 1.89 -5.37
C ASN B 185 -15.03 2.52 -4.47
N GLY B 186 -15.98 3.24 -5.05
CA GLY B 186 -17.12 3.86 -4.33
C GLY B 186 -17.23 5.36 -4.61
N PRO B 187 -18.08 6.10 -3.86
CA PRO B 187 -18.27 7.53 -4.09
C PRO B 187 -17.07 8.40 -3.65
N ASP B 188 -16.25 7.90 -2.73
CA ASP B 188 -14.99 8.55 -2.25
C ASP B 188 -13.81 8.05 -3.11
N TYR B 189 -13.90 8.23 -4.43
CA TYR B 189 -12.90 7.76 -5.43
C TYR B 189 -12.05 8.94 -5.92
N LYS B 190 -12.67 10.12 -6.06
CA LYS B 190 -12.00 11.36 -6.54
C LYS B 190 -11.15 11.95 -5.40
N LYS B 191 -11.40 11.55 -4.15
CA LYS B 191 -10.56 11.87 -2.97
C LYS B 191 -9.21 11.14 -3.11
N ASN B 192 -9.25 9.84 -3.40
CA ASN B 192 -8.06 8.96 -3.55
C ASN B 192 -7.53 9.05 -4.99
N ASN B 193 -8.30 9.66 -5.90
CA ASN B 193 -7.88 10.01 -7.29
C ASN B 193 -7.63 8.72 -8.09
N TYR B 194 -8.49 7.72 -7.95
CA TYR B 194 -8.43 6.43 -8.68
C TYR B 194 -8.61 6.68 -10.18
N ASP B 195 -9.45 7.65 -10.53
CA ASP B 195 -9.72 8.09 -11.93
C ASP B 195 -8.39 8.44 -12.62
N VAL B 196 -7.54 9.23 -11.96
CA VAL B 196 -6.23 9.71 -12.49
C VAL B 196 -5.23 8.56 -12.51
N LYS B 197 -5.15 7.80 -11.42
CA LYS B 197 -4.17 6.68 -11.21
C LYS B 197 -4.39 5.60 -12.27
N LEU B 198 -5.65 5.22 -12.54
CA LEU B 198 -6.04 4.19 -13.53
C LEU B 198 -5.60 4.62 -14.94
N ALA B 199 -5.74 5.91 -15.26
CA ALA B 199 -5.36 6.50 -16.57
C ALA B 199 -3.84 6.42 -16.75
N GLU B 200 -3.09 6.98 -15.80
CA GLU B 200 -1.60 6.99 -15.77
C GLU B 200 -1.07 5.55 -15.90
N ALA B 201 -1.71 4.60 -15.21
CA ALA B 201 -1.33 3.17 -15.16
C ALA B 201 -1.45 2.54 -16.55
N TYR B 202 -2.56 2.79 -17.25
CA TYR B 202 -2.88 2.18 -18.57
C TYR B 202 -1.77 2.50 -19.58
N GLN B 203 -1.41 3.78 -19.69
CA GLN B 203 -0.39 4.29 -20.66
C GLN B 203 1.00 3.77 -20.29
N SER B 204 1.28 3.61 -18.99
CA SER B 204 2.59 3.14 -18.45
C SER B 204 2.84 1.67 -18.84
N PHE B 205 1.77 0.87 -18.96
CA PHE B 205 1.83 -0.58 -19.27
C PHE B 205 1.81 -0.81 -20.79
N LYS B 206 1.22 0.11 -21.56
CA LYS B 206 1.21 0.06 -23.05
C LYS B 206 2.66 0.07 -23.57
C3' NHE C . 9.86 7.59 -3.47
C2' NHE C . 10.61 8.55 -2.55
C1' NHE C . 11.89 9.06 -3.22
C6' NHE C . 11.57 9.70 -4.56
N NHE C . 12.60 9.99 -2.34
C1 NHE C . 13.27 9.39 -1.18
C2 NHE C . 14.78 9.51 -1.27
S NHE C . 15.60 8.16 -0.44
O1 NHE C . 15.13 6.96 -1.04
O2 NHE C . 15.43 8.37 0.96
O3 NHE C . 17.09 8.39 -0.83
C5' NHE C . 10.81 8.74 -5.47
C4' NHE C . 9.54 8.24 -4.80
H3'1 NHE C . 10.40 6.79 -3.62
H3'2 NHE C . 9.03 7.31 -3.04
H2'1 NHE C . 10.04 9.31 -2.33
H2'2 NHE C . 10.84 8.09 -1.72
HC'1 NHE C . 12.47 8.28 -3.38
H6'1 NHE C . 12.41 9.97 -5.00
H6'2 NHE C . 11.04 10.51 -4.41
HN NHE C . 13.18 10.45 -2.84
HC11 NHE C . 13.02 8.44 -1.10
HC12 NHE C . 12.96 9.84 -0.36
HC21 NHE C . 15.06 10.35 -0.86
HC22 NHE C . 15.06 9.51 -2.21
HO3 NHE C . 17.52 8.58 -0.15
H5'1 NHE C . 11.39 7.99 -5.70
H5'2 NHE C . 10.57 9.21 -6.31
H4'1 NHE C . 8.93 8.99 -4.66
H4'2 NHE C . 9.10 7.59 -5.38
O1 PG4 D . 8.27 5.19 22.22
C1 PG4 D . 8.92 5.55 21.01
C2 PG4 D . 8.34 4.85 19.83
O2 PG4 D . 8.25 3.45 20.09
C3 PG4 D . 7.99 2.68 18.93
C4 PG4 D . 9.28 2.27 18.28
O3 PG4 D . 9.39 0.85 18.28
C5 PG4 D . 10.70 0.39 17.96
C6 PG4 D . 10.79 0.15 16.48
O4 PG4 D . 10.37 -1.18 16.19
C7 PG4 D . 10.14 -1.41 14.80
C8 PG4 D . 9.55 -2.77 14.59
O5 PG4 D . 10.55 -3.78 14.51
HO1 PG4 D . 8.66 5.61 22.86
H11 PG4 D . 9.87 5.35 21.08
H12 PG4 D . 8.82 6.53 20.88
H21 PG4 D . 8.92 4.99 19.05
H22 PG4 D . 7.46 5.21 19.62
H31 PG4 D . 7.45 3.19 18.29
H32 PG4 D . 7.47 1.87 19.17
H41 PG4 D . 10.03 2.67 18.78
H42 PG4 D . 9.31 2.61 17.36
H51 PG4 D . 10.89 -0.44 18.44
H52 PG4 D . 11.37 1.06 18.22
H61 PG4 D . 11.72 0.26 16.18
H62 PG4 D . 10.23 0.79 16.01
H71 PG4 D . 10.98 -1.32 14.31
H72 PG4 D . 9.52 -0.73 14.46
H81 PG4 D . 9.03 -2.78 13.76
H82 PG4 D . 8.95 -2.98 15.33
HO5 PG4 D . 10.98 -3.79 15.23
C3' NHE E . -11.96 -1.56 -0.91
C2' NHE E . -12.45 -2.79 -1.67
C1' NHE E . -12.67 -2.48 -3.14
C6' NHE E . -11.40 -1.93 -3.77
N NHE E . -13.16 -3.66 -3.87
C1 NHE E . -14.61 -3.88 -3.80
C2 NHE E . -14.96 -5.34 -4.00
S NHE E . -15.76 -6.06 -2.59
O1 NHE E . -16.99 -5.33 -2.41
O2 NHE E . -14.80 -6.06 -1.53
O3 NHE E . -16.06 -7.51 -3.04
C5' NHE E . -10.89 -0.70 -3.00
C4' NHE E . -10.69 -1.01 -1.54
H3'1 NHE E . -12.66 -0.87 -0.92
H3'2 NHE E . -11.79 -1.80 0.02
H2'1 NHE E . -11.80 -3.52 -1.59
H2'2 NHE E . -13.30 -3.10 -1.28
HC'1 NHE E . -13.36 -1.77 -3.21
H6'1 NHE E . -11.57 -1.69 -4.70
H6'2 NHE E . -10.70 -2.62 -3.76
HN NHE E . -12.91 -3.58 -4.71
HC11 NHE E . -15.06 -3.34 -4.50
HC12 NHE E . -14.95 -3.58 -2.92
HC21 NHE E . -14.15 -5.85 -4.20
HC22 NHE E . -15.56 -5.42 -4.78
HO3 NHE E . -15.62 -8.03 -2.59
H5'1 NHE E . -11.55 0.03 -3.09
H5'2 NHE E . -10.04 -0.40 -3.39
H4'1 NHE E . -9.96 -1.66 -1.44
H4'2 NHE E . -10.43 -0.19 -1.07
#